data_3HCW
#
_entry.id   3HCW
#
_cell.length_a   46.770
_cell.length_b   113.340
_cell.length_c   117.490
_cell.angle_alpha   90.00
_cell.angle_beta   90.00
_cell.angle_gamma   90.00
#
_symmetry.space_group_name_H-M   'P 21 21 21'
#
loop_
_entity.id
_entity.type
_entity.pdbx_description
1 polymer 'Maltose operon transcriptional repressor'
2 non-polymer GLYCEROL
3 water water
#
_entity_poly.entity_id   1
_entity_poly.type   'polypeptide(L)'
_entity_poly.pdbx_seq_one_letter_code
;MSLTNQTYKIGLVLKGSEEPIRLNPFYINVLLGISETCNQHGYGTQTTVSNNMNDLMDEVYKMIKQRMVDAFILLYSKEN
DPIKQMLIDESMPFIVIGKPTSDIDHQFTHIDNDNILASENLTRHVIEQGVDELIFITEKGNFEVSKDRIQGFETVASQF
NLDYQIIETSNEREVILNYMQNLHTRLKDPNIKQAIISLDAMLHLAILSVLYELNIEIPKDVMTATFNDSYLTEIASPPQ
TCIDIKPRMLGQQAGSAILNILKNKAQDVIELVIIDTELKIRKSTQREGHHHHHH
;
_entity_poly.pdbx_strand_id   A,B
#
loop_
_chem_comp.id
_chem_comp.type
_chem_comp.name
_chem_comp.formula
GOL non-polymer GLYCEROL 'C3 H8 O3'
#
# COMPACT_ATOMS: atom_id res chain seq x y z
N THR A 4 -12.38 28.02 20.27
CA THR A 4 -11.48 26.93 19.77
C THR A 4 -10.27 26.72 20.70
N ASN A 5 -9.70 25.51 20.65
CA ASN A 5 -8.54 25.16 21.46
C ASN A 5 -7.24 25.79 20.94
N GLN A 6 -6.14 25.57 21.66
CA GLN A 6 -4.86 26.14 21.29
C GLN A 6 -3.76 25.09 21.27
N THR A 7 -4.05 23.96 20.62
CA THR A 7 -3.11 22.83 20.57
C THR A 7 -2.24 22.78 19.32
N TYR A 8 -2.60 23.58 18.29
CA TYR A 8 -2.00 23.51 16.94
C TYR A 8 -1.96 22.08 16.39
N LYS A 9 -3.05 21.35 16.62
CA LYS A 9 -3.19 19.97 16.16
C LYS A 9 -4.53 19.72 15.48
N ILE A 10 -4.51 18.88 14.43
CA ILE A 10 -5.73 18.52 13.71
C ILE A 10 -6.01 17.03 13.87
N GLY A 11 -7.21 16.69 14.34
CA GLY A 11 -7.63 15.29 14.43
C GLY A 11 -8.18 14.80 13.10
N LEU A 12 -7.65 13.69 12.62
CA LEU A 12 -8.09 13.11 11.35
C LEU A 12 -8.88 11.81 11.59
N VAL A 13 -10.20 11.87 11.43
CA VAL A 13 -11.07 10.69 11.64
C VAL A 13 -11.15 9.72 10.45
N LEU A 14 -10.64 8.51 10.67
CA LEU A 14 -10.66 7.42 9.70
C LEU A 14 -11.87 6.50 9.90
N LYS A 15 -12.20 5.75 8.85
CA LYS A 15 -13.28 4.76 8.85
C LYS A 15 -12.93 3.53 9.69
N GLY A 16 -11.69 3.03 9.51
CA GLY A 16 -11.17 1.89 10.27
C GLY A 16 -9.65 1.81 10.26
N SER A 17 -9.11 0.82 10.98
CA SER A 17 -7.66 0.64 11.10
C SER A 17 -7.20 -0.59 10.33
N GLU A 18 -8.18 -1.27 9.70
CA GLU A 18 -8.00 -2.57 9.05
C GLU A 18 -6.83 -2.61 8.09
N GLU A 19 -6.25 -3.81 7.93
CA GLU A 19 -5.13 -4.03 7.01
C GLU A 19 -5.39 -3.51 5.57
N PRO A 20 -6.56 -3.81 4.95
CA PRO A 20 -6.76 -3.17 3.65
C PRO A 20 -7.20 -1.69 3.66
N ILE A 21 -7.24 -1.06 4.84
CA ILE A 21 -7.62 0.35 4.99
C ILE A 21 -6.42 1.26 5.28
N ARG A 22 -5.59 0.87 6.25
CA ARG A 22 -4.35 1.60 6.54
C ARG A 22 -3.27 1.34 5.47
N LEU A 23 -3.47 0.30 4.68
CA LEU A 23 -2.59 -0.02 3.54
C LEU A 23 -3.20 0.47 2.23
N ASN A 24 -4.43 0.98 2.32
CA ASN A 24 -5.14 1.51 1.16
C ASN A 24 -4.43 2.79 0.74
N PRO A 25 -3.91 2.82 -0.50
CA PRO A 25 -3.20 3.96 -1.08
C PRO A 25 -4.05 5.23 -1.16
N PHE A 26 -5.37 5.10 -1.00
CA PHE A 26 -6.24 6.27 -0.92
C PHE A 26 -5.93 7.02 0.35
N TYR A 27 -6.04 6.32 1.47
CA TYR A 27 -5.81 6.94 2.76
C TYR A 27 -4.34 7.33 2.96
N ILE A 28 -3.42 6.48 2.52
CA ILE A 28 -1.99 6.84 2.58
C ILE A 28 -1.71 8.18 1.90
N ASN A 29 -2.25 8.36 0.69
CA ASN A 29 -2.06 9.62 -0.01
C ASN A 29 -2.88 10.79 0.54
N VAL A 30 -4.10 10.53 1.00
CA VAL A 30 -4.93 11.61 1.58
C VAL A 30 -4.28 12.14 2.86
N LEU A 31 -3.91 11.23 3.76
CA LEU A 31 -3.19 11.59 5.00
C LEU A 31 -1.84 12.28 4.73
N LEU A 32 -1.06 11.81 3.76
CA LEU A 32 0.16 12.53 3.33
C LEU A 32 -0.14 13.95 2.84
N GLY A 33 -1.18 14.08 2.02
CA GLY A 33 -1.64 15.37 1.55
C GLY A 33 -2.02 16.29 2.70
N ILE A 34 -2.82 15.78 3.65
CA ILE A 34 -3.20 16.58 4.82
C ILE A 34 -1.99 16.97 5.67
N SER A 35 -1.16 16.00 6.01
CA SER A 35 -0.09 16.18 6.98
CA SER A 35 -0.09 16.18 6.98
C SER A 35 1.01 17.14 6.51
N GLU A 36 1.46 17.00 5.27
CA GLU A 36 2.51 17.86 4.75
C GLU A 36 2.06 19.33 4.69
N THR A 37 0.79 19.57 4.34
CA THR A 37 0.21 20.91 4.31
C THR A 37 0.13 21.49 5.74
N CYS A 38 -0.47 20.73 6.64
CA CYS A 38 -0.52 21.06 8.07
C CYS A 38 0.87 21.35 8.66
N ASN A 39 1.86 20.51 8.32
CA ASN A 39 3.22 20.63 8.85
C ASN A 39 4.00 21.82 8.28
N GLN A 40 3.53 22.36 7.15
CA GLN A 40 4.16 23.54 6.56
C GLN A 40 3.64 24.83 7.19
N HIS A 41 2.67 24.71 8.10
CA HIS A 41 2.06 25.87 8.76
C HIS A 41 2.04 25.73 10.28
N GLY A 42 2.92 24.87 10.80
CA GLY A 42 3.08 24.68 12.25
C GLY A 42 2.02 23.83 12.94
N TYR A 43 1.21 23.12 12.15
CA TYR A 43 0.16 22.27 12.68
C TYR A 43 0.55 20.80 12.66
N GLY A 44 0.25 20.12 13.76
CA GLY A 44 0.46 18.67 13.84
C GLY A 44 -0.84 17.96 13.49
N THR A 45 -0.76 16.65 13.31
CA THR A 45 -1.94 15.83 12.98
C THR A 45 -2.03 14.62 13.89
N GLN A 46 -3.25 14.14 14.10
CA GLN A 46 -3.48 12.96 14.94
C GLN A 46 -4.58 12.08 14.36
N THR A 47 -4.15 11.01 13.72
CA THR A 47 -5.00 10.03 13.04
C THR A 47 -5.65 9.07 14.05
N THR A 48 -6.99 8.97 14.00
CA THR A 48 -7.72 7.99 14.84
C THR A 48 -7.29 6.57 14.49
N VAL A 49 -7.28 5.71 15.51
CA VAL A 49 -6.75 4.34 15.39
C VAL A 49 -7.84 3.28 15.64
N SER A 50 -9.07 3.76 15.87
CA SER A 50 -10.22 2.92 16.20
C SER A 50 -10.73 2.11 14.99
N ASN A 51 -11.33 0.96 15.27
CA ASN A 51 -11.70 -0.01 14.23
C ASN A 51 -13.21 -0.30 14.11
N ASN A 52 -14.00 0.27 15.00
CA ASN A 52 -15.46 0.13 14.94
C ASN A 52 -16.17 1.41 15.38
N MET A 53 -17.47 1.51 15.09
CA MET A 53 -18.24 2.75 15.31
C MET A 53 -18.39 3.18 16.78
N ASN A 54 -18.66 2.24 17.68
CA ASN A 54 -18.81 2.57 19.09
C ASN A 54 -17.50 3.05 19.72
N ASP A 55 -16.40 2.39 19.32
CA ASP A 55 -15.06 2.78 19.76
C ASP A 55 -14.58 4.10 19.12
N LEU A 56 -15.00 4.36 17.90
CA LEU A 56 -14.63 5.60 17.19
C LEU A 56 -15.42 6.77 17.75
N MET A 57 -16.64 6.51 18.22
CA MET A 57 -17.40 7.53 18.94
C MET A 57 -16.76 7.83 20.29
N ASP A 58 -16.19 6.80 20.92
CA ASP A 58 -15.49 6.97 22.18
C ASP A 58 -14.21 7.76 22.02
N GLU A 59 -13.37 7.37 21.07
CA GLU A 59 -12.04 7.97 20.93
C GLU A 59 -12.01 9.38 20.34
N VAL A 60 -13.03 9.72 19.55
CA VAL A 60 -13.16 11.09 19.06
C VAL A 60 -13.70 11.98 20.19
N TYR A 61 -14.63 11.45 20.98
CA TYR A 61 -15.16 12.18 22.14
C TYR A 61 -14.09 12.49 23.18
N LYS A 62 -13.15 11.54 23.36
CA LYS A 62 -11.97 11.74 24.20
C LYS A 62 -11.17 12.94 23.68
N MET A 63 -10.88 12.96 22.38
CA MET A 63 -10.21 14.11 21.73
C MET A 63 -10.93 15.46 21.91
N ILE A 64 -12.27 15.45 21.97
CA ILE A 64 -13.04 16.67 22.25
C ILE A 64 -12.85 17.10 23.70
N LYS A 65 -13.22 16.19 24.61
CA LYS A 65 -13.29 16.44 26.04
C LYS A 65 -11.94 16.76 26.68
N GLN A 66 -10.90 16.03 26.28
CA GLN A 66 -9.54 16.29 26.73
C GLN A 66 -8.87 17.45 25.97
N ARG A 67 -9.66 18.14 25.14
CA ARG A 67 -9.23 19.31 24.36
C ARG A 67 -7.93 19.09 23.59
N MET A 68 -7.80 17.92 22.96
CA MET A 68 -6.53 17.48 22.37
C MET A 68 -6.19 18.09 21.02
N VAL A 69 -7.20 18.53 20.29
CA VAL A 69 -7.01 19.12 18.96
C VAL A 69 -7.82 20.39 18.78
N ASP A 70 -7.50 21.14 17.74
CA ASP A 70 -8.18 22.40 17.44
C ASP A 70 -9.34 22.16 16.48
N ALA A 71 -9.20 21.15 15.62
CA ALA A 71 -10.19 20.86 14.59
C ALA A 71 -10.06 19.44 14.04
N PHE A 72 -11.02 19.08 13.20
CA PHE A 72 -11.10 17.74 12.65
C PHE A 72 -11.23 17.74 11.14
N ILE A 73 -10.83 16.64 10.53
CA ILE A 73 -11.11 16.39 9.13
C ILE A 73 -11.69 14.98 9.10
N LEU A 74 -12.99 14.86 8.80
CA LEU A 74 -13.62 13.54 8.60
C LEU A 74 -13.24 13.00 7.24
N LEU A 75 -12.58 11.85 7.22
CA LEU A 75 -12.07 11.27 5.96
C LEU A 75 -13.08 10.37 5.24
N TYR A 76 -14.36 10.55 5.52
CA TYR A 76 -15.44 9.84 4.83
C TYR A 76 -16.73 10.66 4.93
N SER A 77 -17.71 10.31 4.11
CA SER A 77 -19.04 10.92 4.18
C SER A 77 -20.11 9.83 4.30
N LYS A 78 -21.00 9.97 5.27
CA LYS A 78 -22.13 9.05 5.41
C LYS A 78 -23.35 9.80 5.93
N GLU A 79 -24.52 9.42 5.41
CA GLU A 79 -25.79 9.97 5.87
C GLU A 79 -26.05 9.51 7.30
N ASN A 80 -26.48 10.45 8.14
CA ASN A 80 -26.68 10.26 9.59
C ASN A 80 -25.44 9.70 10.28
N ASP A 81 -24.31 10.34 10.02
CA ASP A 81 -23.05 10.00 10.68
C ASP A 81 -23.10 10.60 12.08
N PRO A 82 -23.09 9.73 13.12
CA PRO A 82 -23.23 10.15 14.52
C PRO A 82 -21.99 10.84 15.08
N ILE A 83 -20.83 10.58 14.48
CA ILE A 83 -19.60 11.27 14.86
C ILE A 83 -19.51 12.64 14.16
N LYS A 84 -20.10 12.77 12.98
CA LYS A 84 -20.33 14.09 12.38
C LYS A 84 -21.34 14.89 13.22
N GLN A 85 -22.34 14.19 13.77
CA GLN A 85 -23.29 14.78 14.73
C GLN A 85 -22.63 15.21 16.04
N MET A 86 -21.65 14.42 16.49
CA MET A 86 -20.87 14.72 17.70
C MET A 86 -20.16 16.07 17.57
N LEU A 87 -19.41 16.25 16.48
CA LEU A 87 -18.69 17.51 16.22
C LEU A 87 -19.61 18.71 16.00
N ILE A 88 -20.84 18.43 15.57
CA ILE A 88 -21.87 19.47 15.42
C ILE A 88 -22.44 19.85 16.80
N ASP A 89 -22.76 18.83 17.60
CA ASP A 89 -23.25 19.02 18.97
C ASP A 89 -22.25 19.79 19.85
N GLU A 90 -20.98 19.40 19.74
CA GLU A 90 -19.94 19.92 20.63
C GLU A 90 -19.10 21.03 20.00
N SER A 91 -19.69 21.70 19.00
CA SER A 91 -19.18 22.92 18.36
C SER A 91 -17.74 22.89 17.79
N MET A 92 -17.27 21.71 17.41
CA MET A 92 -15.92 21.57 16.88
C MET A 92 -15.87 21.93 15.39
N PRO A 93 -14.91 22.79 15.00
CA PRO A 93 -14.70 23.11 13.58
C PRO A 93 -14.21 21.88 12.83
N PHE A 94 -14.73 21.66 11.62
CA PHE A 94 -14.32 20.50 10.82
C PHE A 94 -14.42 20.64 9.31
N ILE A 95 -13.73 19.75 8.62
CA ILE A 95 -13.86 19.54 7.17
C ILE A 95 -14.36 18.12 6.97
N VAL A 96 -15.07 17.88 5.88
CA VAL A 96 -15.43 16.52 5.49
C VAL A 96 -14.83 16.23 4.13
N ILE A 97 -14.12 15.12 4.02
CA ILE A 97 -13.77 14.63 2.72
C ILE A 97 -14.87 13.69 2.24
N GLY A 98 -15.65 14.18 1.27
CA GLY A 98 -16.77 13.45 0.69
C GLY A 98 -17.91 14.37 0.26
N LYS A 99 -19.09 13.79 0.05
CA LYS A 99 -20.24 14.52 -0.49
C LYS A 99 -21.21 15.07 0.58
N PRO A 100 -21.57 16.36 0.48
CA PRO A 100 -22.65 16.94 1.29
C PRO A 100 -23.96 16.23 1.02
N THR A 101 -24.69 15.91 2.08
CA THR A 101 -25.86 15.05 1.97
C THR A 101 -27.11 15.63 2.67
N SER A 102 -27.00 16.85 3.20
CA SER A 102 -28.04 17.39 4.07
C SER A 102 -28.15 18.90 4.04
N ASP A 103 -29.17 19.44 4.72
CA ASP A 103 -29.34 20.89 4.87
C ASP A 103 -28.25 21.57 5.69
N ILE A 104 -27.89 20.96 6.82
CA ILE A 104 -26.84 21.51 7.69
C ILE A 104 -25.45 21.48 7.05
N ASP A 105 -25.26 20.59 6.08
CA ASP A 105 -24.00 20.46 5.34
C ASP A 105 -23.60 21.71 4.55
N HIS A 106 -24.56 22.61 4.32
CA HIS A 106 -24.30 23.95 3.76
C HIS A 106 -23.34 24.78 4.62
N GLN A 107 -23.35 24.53 5.93
CA GLN A 107 -22.49 25.23 6.89
C GLN A 107 -21.04 24.73 6.87
N PHE A 108 -20.84 23.49 6.43
CA PHE A 108 -19.56 22.82 6.58
C PHE A 108 -18.87 22.51 5.26
N THR A 109 -17.62 22.96 5.13
CA THR A 109 -16.83 22.73 3.92
C THR A 109 -16.63 21.25 3.64
N HIS A 110 -16.95 20.84 2.41
CA HIS A 110 -16.69 19.49 1.92
C HIS A 110 -15.68 19.53 0.78
N ILE A 111 -14.84 18.50 0.73
CA ILE A 111 -13.87 18.33 -0.34
C ILE A 111 -14.11 16.96 -0.96
N ASP A 112 -14.44 16.92 -2.25
CA ASP A 112 -14.78 15.67 -2.90
C ASP A 112 -14.22 15.62 -4.33
N ASN A 113 -14.26 14.43 -4.94
CA ASN A 113 -14.23 14.30 -6.39
C ASN A 113 -15.68 14.33 -6.85
N ASP A 114 -15.89 14.51 -8.15
CA ASP A 114 -17.20 14.28 -8.76
C ASP A 114 -17.27 12.80 -9.11
N ASN A 115 -17.91 12.03 -8.24
CA ASN A 115 -17.82 10.58 -8.33
C ASN A 115 -18.81 9.97 -9.32
N ILE A 116 -19.86 10.72 -9.61
CA ILE A 116 -20.76 10.37 -10.70
C ILE A 116 -20.04 10.52 -12.05
N LEU A 117 -19.44 11.67 -12.28
CA LEU A 117 -18.73 11.96 -13.52
C LEU A 117 -17.56 10.99 -13.72
N ALA A 118 -16.79 10.76 -12.65
CA ALA A 118 -15.66 9.83 -12.70
C ALA A 118 -16.10 8.47 -13.21
N SER A 119 -17.18 7.95 -12.60
CA SER A 119 -17.73 6.65 -13.00
CA SER A 119 -17.76 6.66 -12.99
C SER A 119 -18.31 6.67 -14.40
N GLU A 120 -19.00 7.75 -14.76
CA GLU A 120 -19.55 7.92 -16.09
C GLU A 120 -18.45 7.92 -17.14
N ASN A 121 -17.34 8.60 -16.86
CA ASN A 121 -16.18 8.60 -17.72
C ASN A 121 -15.60 7.21 -17.90
N LEU A 122 -15.49 6.45 -16.80
CA LEU A 122 -14.97 5.10 -16.85
C LEU A 122 -15.92 4.18 -17.59
N THR A 123 -17.22 4.25 -17.25
CA THR A 123 -18.23 3.40 -17.86
C THR A 123 -18.31 3.67 -19.37
N ARG A 124 -18.26 4.94 -19.77
CA ARG A 124 -18.27 5.32 -21.19
C ARG A 124 -17.10 4.71 -21.96
N HIS A 125 -15.91 4.80 -21.38
CA HIS A 125 -14.68 4.27 -21.99
C HIS A 125 -14.75 2.78 -22.32
N VAL A 126 -15.27 1.97 -21.39
CA VAL A 126 -15.40 0.53 -21.65
C VAL A 126 -16.39 0.25 -22.77
N ILE A 127 -17.44 1.06 -22.84
CA ILE A 127 -18.46 0.95 -23.90
C ILE A 127 -17.86 1.31 -25.26
N GLU A 128 -17.00 2.33 -25.27
CA GLU A 128 -16.25 2.74 -26.47
C GLU A 128 -15.35 1.65 -27.03
N GLN A 129 -14.91 0.72 -26.18
CA GLN A 129 -14.12 -0.44 -26.64
C GLN A 129 -15.01 -1.53 -27.24
N GLY A 130 -16.30 -1.50 -26.90
CA GLY A 130 -17.27 -2.46 -27.42
C GLY A 130 -17.62 -3.52 -26.39
N VAL A 131 -18.75 -3.34 -25.70
CA VAL A 131 -19.23 -4.33 -24.74
C VAL A 131 -20.71 -4.59 -24.90
N ASP A 132 -21.13 -5.79 -24.49
CA ASP A 132 -22.53 -6.13 -24.51
C ASP A 132 -23.14 -6.01 -23.12
N GLU A 133 -22.41 -6.49 -22.12
CA GLU A 133 -22.91 -6.57 -20.75
C GLU A 133 -21.90 -5.99 -19.74
N LEU A 134 -22.40 -5.30 -18.72
CA LEU A 134 -21.55 -4.67 -17.70
C LEU A 134 -21.85 -5.17 -16.29
N ILE A 135 -20.81 -5.30 -15.47
CA ILE A 135 -20.91 -5.69 -14.07
C ILE A 135 -20.21 -4.65 -13.19
N PHE A 136 -20.92 -4.11 -12.20
CA PHE A 136 -20.31 -3.27 -11.18
C PHE A 136 -20.24 -4.03 -9.86
N ILE A 137 -19.04 -4.05 -9.28
CA ILE A 137 -18.82 -4.73 -8.02
C ILE A 137 -18.53 -3.71 -6.91
N THR A 138 -19.31 -3.78 -5.83
CA THR A 138 -19.16 -2.83 -4.73
C THR A 138 -19.00 -3.51 -3.36
N GLU A 139 -18.62 -2.72 -2.37
CA GLU A 139 -18.46 -3.15 -0.98
C GLU A 139 -19.64 -2.72 -0.14
N LYS A 140 -19.89 -3.45 0.94
CA LYS A 140 -20.97 -3.15 1.87
C LYS A 140 -20.75 -1.84 2.64
N GLY A 141 -21.83 -1.34 3.24
CA GLY A 141 -21.85 -0.02 3.86
C GLY A 141 -22.63 0.92 2.98
N ASN A 142 -23.37 1.83 3.60
CA ASN A 142 -24.16 2.81 2.86
C ASN A 142 -23.34 4.06 2.52
N PHE A 143 -22.17 3.84 1.94
CA PHE A 143 -21.22 4.92 1.64
C PHE A 143 -21.62 5.70 0.40
N GLU A 144 -21.54 7.02 0.50
CA GLU A 144 -21.96 7.89 -0.58
CA GLU A 144 -21.93 7.93 -0.57
C GLU A 144 -21.10 7.76 -1.84
N VAL A 145 -19.83 7.39 -1.68
CA VAL A 145 -18.92 7.18 -2.81
C VAL A 145 -19.42 6.00 -3.66
N SER A 146 -19.82 4.94 -2.97
CA SER A 146 -20.47 3.78 -3.56
C SER A 146 -21.74 4.16 -4.32
N LYS A 147 -22.64 4.92 -3.66
CA LYS A 147 -23.88 5.37 -4.28
C LYS A 147 -23.64 6.23 -5.54
N ASP A 148 -22.69 7.15 -5.43
CA ASP A 148 -22.33 8.03 -6.56
C ASP A 148 -21.74 7.27 -7.76
N ARG A 149 -20.84 6.33 -7.50
CA ARG A 149 -20.19 5.54 -8.56
C ARG A 149 -21.15 4.52 -9.21
N ILE A 150 -21.99 3.90 -8.40
CA ILE A 150 -23.11 3.09 -8.92
C ILE A 150 -24.04 3.91 -9.82
N GLN A 151 -24.47 5.09 -9.34
CA GLN A 151 -25.34 5.96 -10.14
C GLN A 151 -24.75 6.35 -11.51
N GLY A 152 -23.47 6.71 -11.55
CA GLY A 152 -22.83 7.07 -12.82
C GLY A 152 -22.73 5.89 -13.78
N PHE A 153 -22.54 4.71 -13.20
CA PHE A 153 -22.41 3.46 -13.96
C PHE A 153 -23.74 3.11 -14.61
N GLU A 154 -24.79 3.09 -13.79
CA GLU A 154 -26.15 2.78 -14.20
C GLU A 154 -26.67 3.75 -15.24
N THR A 155 -26.29 5.02 -15.14
CA THR A 155 -26.73 6.04 -16.08
C THR A 155 -26.13 5.86 -17.47
N VAL A 156 -24.82 5.61 -17.58
CA VAL A 156 -24.19 5.41 -18.90
C VAL A 156 -24.64 4.09 -19.53
N ALA A 157 -24.77 3.07 -18.69
CA ALA A 157 -25.28 1.78 -19.11
C ALA A 157 -26.71 1.86 -19.63
N SER A 158 -27.57 2.65 -18.97
CA SER A 158 -28.95 2.80 -19.45
C SER A 158 -29.00 3.68 -20.69
N GLN A 159 -28.17 4.72 -20.70
CA GLN A 159 -28.05 5.64 -21.84
C GLN A 159 -27.69 4.93 -23.16
N PHE A 160 -26.89 3.87 -23.07
CA PHE A 160 -26.51 3.09 -24.24
C PHE A 160 -27.30 1.79 -24.34
N ASN A 161 -28.36 1.70 -23.51
CA ASN A 161 -29.29 0.56 -23.45
C ASN A 161 -28.57 -0.80 -23.35
N LEU A 162 -27.63 -0.88 -22.41
CA LEU A 162 -26.86 -2.09 -22.17
C LEU A 162 -27.37 -2.84 -20.95
N ASP A 163 -27.18 -4.16 -20.98
CA ASP A 163 -27.52 -5.00 -19.83
C ASP A 163 -26.42 -4.87 -18.80
N TYR A 164 -26.84 -4.75 -17.54
CA TYR A 164 -25.90 -4.63 -16.44
C TYR A 164 -26.43 -5.25 -15.16
N GLN A 165 -25.50 -5.58 -14.26
CA GLN A 165 -25.84 -6.02 -12.91
C GLN A 165 -24.93 -5.37 -11.85
N ILE A 166 -25.42 -5.28 -10.63
CA ILE A 166 -24.65 -4.78 -9.46
C ILE A 166 -24.45 -5.96 -8.52
N ILE A 167 -23.22 -6.15 -8.08
CA ILE A 167 -22.91 -7.17 -7.08
C ILE A 167 -22.31 -6.47 -5.88
N GLU A 168 -22.92 -6.68 -4.71
CA GLU A 168 -22.37 -6.20 -3.45
C GLU A 168 -21.73 -7.38 -2.74
N THR A 169 -20.48 -7.20 -2.32
CA THR A 169 -19.72 -8.30 -1.76
C THR A 169 -18.82 -7.82 -0.65
N SER A 170 -18.46 -8.75 0.24
CA SER A 170 -17.36 -8.50 1.18
C SER A 170 -16.06 -8.89 0.47
N ASN A 171 -14.93 -8.42 1.00
CA ASN A 171 -13.59 -8.77 0.49
C ASN A 171 -13.12 -10.23 0.68
N GLU A 172 -13.97 -11.09 1.23
CA GLU A 172 -13.60 -12.48 1.52
C GLU A 172 -13.44 -13.30 0.24
N ARG A 173 -12.27 -13.93 0.10
CA ARG A 173 -11.92 -14.83 -1.00
C ARG A 173 -13.04 -15.78 -1.38
N GLU A 174 -13.51 -16.55 -0.40
CA GLU A 174 -14.60 -17.52 -0.57
C GLU A 174 -15.85 -16.85 -1.16
N VAL A 175 -16.20 -15.67 -0.63
CA VAL A 175 -17.41 -14.96 -1.06
C VAL A 175 -17.30 -14.45 -2.49
N ILE A 176 -16.17 -13.82 -2.83
CA ILE A 176 -15.90 -13.36 -4.20
C ILE A 176 -15.91 -14.54 -5.17
N LEU A 177 -15.20 -15.61 -4.80
CA LEU A 177 -15.13 -16.85 -5.57
C LEU A 177 -16.51 -17.38 -5.94
N ASN A 178 -17.42 -17.40 -4.98
CA ASN A 178 -18.78 -17.89 -5.22
C ASN A 178 -19.53 -17.04 -6.25
N TYR A 179 -19.40 -15.72 -6.13
CA TYR A 179 -20.00 -14.79 -7.09
C TYR A 179 -19.43 -14.95 -8.50
N MET A 180 -18.12 -15.14 -8.62
CA MET A 180 -17.51 -15.29 -9.94
C MET A 180 -17.73 -16.69 -10.52
N GLN A 181 -17.85 -17.70 -9.66
CA GLN A 181 -18.25 -19.06 -10.09
C GLN A 181 -19.59 -19.06 -10.80
N ASN A 182 -20.57 -18.35 -10.22
CA ASN A 182 -21.88 -18.13 -10.83
C ASN A 182 -21.85 -17.53 -12.24
N LEU A 183 -20.83 -16.71 -12.52
CA LEU A 183 -20.74 -15.99 -13.79
C LEU A 183 -19.81 -16.65 -14.76
N HIS A 184 -19.10 -17.67 -14.29
CA HIS A 184 -17.99 -18.31 -15.01
C HIS A 184 -18.30 -18.70 -16.46
N THR A 185 -19.45 -19.37 -16.67
CA THR A 185 -19.88 -19.80 -18.00
C THR A 185 -20.14 -18.63 -18.95
N ARG A 186 -20.82 -17.59 -18.47
CA ARG A 186 -21.06 -16.40 -19.30
C ARG A 186 -19.77 -15.60 -19.55
N LEU A 187 -18.93 -15.53 -18.51
CA LEU A 187 -17.64 -14.87 -18.58
C LEU A 187 -16.68 -15.54 -19.58
N LYS A 188 -16.99 -16.79 -19.93
CA LYS A 188 -16.18 -17.56 -20.87
CA LYS A 188 -16.16 -17.50 -20.90
C LYS A 188 -16.84 -17.66 -22.27
N ASP A 189 -18.03 -17.09 -22.40
CA ASP A 189 -18.74 -17.07 -23.68
C ASP A 189 -18.10 -16.05 -24.62
N PRO A 190 -17.58 -16.51 -25.77
CA PRO A 190 -16.87 -15.65 -26.73
C PRO A 190 -17.79 -14.70 -27.50
N ASN A 191 -19.07 -15.04 -27.59
CA ASN A 191 -20.08 -14.18 -28.21
C ASN A 191 -20.53 -12.99 -27.37
N ILE A 192 -20.28 -13.03 -26.06
CA ILE A 192 -20.68 -11.93 -25.17
C ILE A 192 -19.47 -11.15 -24.65
N LYS A 193 -19.40 -9.87 -25.01
CA LYS A 193 -18.31 -9.01 -24.59
C LYS A 193 -18.63 -8.36 -23.24
N GLN A 194 -17.84 -8.69 -22.21
CA GLN A 194 -18.11 -8.19 -20.86
C GLN A 194 -17.02 -7.33 -20.24
N ALA A 195 -17.43 -6.48 -19.29
CA ALA A 195 -16.52 -5.67 -18.50
C ALA A 195 -16.92 -5.72 -17.03
N ILE A 196 -15.92 -5.85 -16.18
CA ILE A 196 -16.12 -5.80 -14.73
C ILE A 196 -15.52 -4.52 -14.19
N ILE A 197 -16.36 -3.72 -13.52
CA ILE A 197 -15.89 -2.52 -12.84
C ILE A 197 -16.03 -2.66 -11.33
N SER A 198 -14.94 -2.39 -10.60
CA SER A 198 -14.96 -2.41 -9.14
C SER A 198 -14.92 -1.00 -8.58
N LEU A 199 -15.61 -0.84 -7.47
CA LEU A 199 -15.65 0.36 -6.66
C LEU A 199 -14.29 1.02 -6.34
N ASP A 200 -13.28 0.21 -6.06
CA ASP A 200 -12.01 0.67 -5.50
C ASP A 200 -10.95 -0.37 -5.79
N ALA A 201 -9.70 0.08 -5.95
CA ALA A 201 -8.57 -0.76 -6.33
C ALA A 201 -8.25 -1.93 -5.37
N MET A 202 -8.43 -1.72 -4.06
CA MET A 202 -8.13 -2.76 -3.07
C MET A 202 -9.09 -3.94 -3.21
N LEU A 203 -10.38 -3.65 -3.37
CA LEU A 203 -11.37 -4.67 -3.71
C LEU A 203 -11.09 -5.29 -5.10
N HIS A 204 -10.77 -4.46 -6.09
CA HIS A 204 -10.43 -4.92 -7.45
C HIS A 204 -9.30 -5.95 -7.50
N LEU A 205 -8.28 -5.78 -6.65
CA LEU A 205 -7.16 -6.71 -6.62
C LEU A 205 -7.58 -8.12 -6.16
N ALA A 206 -8.54 -8.19 -5.25
CA ALA A 206 -9.11 -9.48 -4.82
C ALA A 206 -9.87 -10.12 -5.97
N ILE A 207 -10.62 -9.30 -6.72
CA ILE A 207 -11.34 -9.76 -7.90
C ILE A 207 -10.39 -10.40 -8.93
N LEU A 208 -9.30 -9.70 -9.26
CA LEU A 208 -8.33 -10.19 -10.26
C LEU A 208 -7.73 -11.52 -9.84
N SER A 209 -7.54 -11.69 -8.53
CA SER A 209 -6.98 -12.91 -7.95
C SER A 209 -7.91 -14.09 -8.17
N VAL A 210 -9.21 -13.86 -7.95
CA VAL A 210 -10.22 -14.90 -8.16
C VAL A 210 -10.35 -15.20 -9.66
N LEU A 211 -10.34 -14.15 -10.48
CA LEU A 211 -10.38 -14.28 -11.95
C LEU A 211 -9.17 -15.08 -12.48
N TYR A 212 -8.02 -14.91 -11.85
CA TYR A 212 -6.83 -15.71 -12.17
C TYR A 212 -7.09 -17.18 -11.84
N GLU A 213 -7.65 -17.41 -10.65
CA GLU A 213 -7.92 -18.77 -10.17
C GLU A 213 -8.88 -19.54 -11.08
N LEU A 214 -9.81 -18.82 -11.71
CA LEU A 214 -10.83 -19.42 -12.58
C LEU A 214 -10.45 -19.41 -14.05
N ASN A 215 -9.23 -18.94 -14.32
CA ASN A 215 -8.69 -18.80 -15.68
C ASN A 215 -9.54 -17.93 -16.60
N ILE A 216 -10.13 -16.90 -16.01
CA ILE A 216 -10.90 -15.90 -16.76
C ILE A 216 -9.94 -14.77 -17.15
N GLU A 217 -9.47 -14.79 -18.39
CA GLU A 217 -8.35 -13.94 -18.81
C GLU A 217 -8.73 -12.56 -19.32
N ILE A 218 -7.87 -11.59 -19.02
CA ILE A 218 -8.15 -10.18 -19.18
C ILE A 218 -7.09 -9.62 -20.10
N PRO A 219 -7.47 -8.84 -21.14
CA PRO A 219 -8.84 -8.46 -21.56
C PRO A 219 -9.63 -9.48 -22.40
N LYS A 220 -8.99 -10.58 -22.80
CA LYS A 220 -9.62 -11.59 -23.70
C LYS A 220 -11.03 -12.09 -23.32
N ASP A 221 -11.21 -12.58 -22.10
CA ASP A 221 -12.55 -13.05 -21.72
C ASP A 221 -13.39 -11.87 -21.26
N VAL A 222 -12.80 -11.05 -20.38
CA VAL A 222 -13.47 -9.86 -19.85
CA VAL A 222 -13.48 -9.90 -19.79
C VAL A 222 -12.51 -8.70 -19.70
N MET A 223 -13.03 -7.49 -19.88
CA MET A 223 -12.26 -6.27 -19.64
C MET A 223 -12.50 -5.82 -18.19
N THR A 224 -11.49 -5.21 -17.58
CA THR A 224 -11.61 -4.79 -16.19
C THR A 224 -11.12 -3.38 -16.00
N ALA A 225 -11.69 -2.71 -15.01
CA ALA A 225 -11.34 -1.35 -14.64
C ALA A 225 -11.80 -1.06 -13.22
N THR A 226 -11.24 -0.02 -12.61
CA THR A 226 -11.57 0.36 -11.24
C THR A 226 -11.32 1.84 -10.94
N PHE A 227 -11.39 2.20 -9.66
CA PHE A 227 -11.14 3.58 -9.20
C PHE A 227 -9.95 3.63 -8.27
N ASN A 228 -9.45 4.82 -8.07
CA ASN A 228 -8.16 4.99 -7.57
CA ASN A 228 -8.21 5.20 -7.38
C ASN A 228 -6.83 4.57 -7.91
N ASP A 229 -6.38 5.14 -8.99
CA ASP A 229 -5.09 4.77 -9.57
C ASP A 229 -3.96 4.99 -8.60
N SER A 230 -3.12 3.96 -8.46
CA SER A 230 -1.86 4.06 -7.76
C SER A 230 -0.89 3.14 -8.49
N TYR A 231 0.27 2.93 -7.87
CA TYR A 231 1.28 2.00 -8.35
C TYR A 231 0.73 0.58 -8.43
N LEU A 232 -0.26 0.27 -7.59
CA LEU A 232 -0.81 -1.09 -7.49
C LEU A 232 -1.68 -1.54 -8.65
N THR A 233 -2.44 -0.60 -9.22
CA THR A 233 -3.22 -0.89 -10.43
C THR A 233 -2.32 -0.88 -11.66
N GLU A 234 -1.30 -0.02 -11.64
CA GLU A 234 -0.27 0.01 -12.67
C GLU A 234 0.47 -1.33 -12.84
N ILE A 235 0.76 -2.00 -11.74
CA ILE A 235 1.49 -3.27 -11.81
C ILE A 235 0.63 -4.47 -11.38
N ALA A 236 -0.69 -4.33 -11.50
CA ALA A 236 -1.62 -5.45 -11.34
C ALA A 236 -1.47 -6.42 -12.50
N SER A 237 -2.11 -7.58 -12.39
CA SER A 237 -2.11 -8.60 -13.42
C SER A 237 -3.50 -8.70 -14.05
N PRO A 238 -3.72 -8.09 -15.23
CA PRO A 238 -2.85 -7.19 -16.03
C PRO A 238 -2.95 -5.74 -15.56
N PRO A 239 -2.04 -4.84 -16.01
CA PRO A 239 -2.20 -3.42 -15.66
C PRO A 239 -3.61 -2.90 -15.88
N GLN A 240 -4.12 -2.16 -14.91
CA GLN A 240 -5.53 -1.81 -14.89
C GLN A 240 -5.84 -0.38 -15.32
N THR A 241 -6.86 -0.29 -16.18
CA THR A 241 -7.49 0.96 -16.52
C THR A 241 -8.22 1.46 -15.26
N CYS A 242 -8.01 2.72 -14.95
CA CYS A 242 -8.60 3.29 -13.76
CA CYS A 242 -8.44 3.30 -13.69
C CYS A 242 -8.69 4.80 -13.78
N ILE A 243 -9.55 5.28 -12.89
CA ILE A 243 -9.76 6.69 -12.68
C ILE A 243 -8.83 7.14 -11.55
N ASP A 244 -7.94 8.07 -11.87
CA ASP A 244 -7.09 8.71 -10.89
C ASP A 244 -7.89 9.79 -10.13
N ILE A 245 -8.07 9.62 -8.82
CA ILE A 245 -8.95 10.53 -8.08
C ILE A 245 -8.19 11.54 -7.22
N LYS A 246 -6.90 11.68 -7.54
CA LYS A 246 -5.97 12.65 -6.94
C LYS A 246 -6.06 12.74 -5.39
N PRO A 247 -5.78 11.63 -4.69
CA PRO A 247 -5.94 11.62 -3.23
C PRO A 247 -4.97 12.55 -2.47
N ARG A 248 -3.78 12.76 -3.02
CA ARG A 248 -2.82 13.69 -2.42
C ARG A 248 -3.31 15.14 -2.55
N MET A 249 -3.92 15.45 -3.70
CA MET A 249 -4.58 16.75 -3.91
CA MET A 249 -4.56 16.74 -3.89
C MET A 249 -5.76 16.93 -2.96
N LEU A 250 -6.63 15.93 -2.86
CA LEU A 250 -7.76 15.98 -1.92
C LEU A 250 -7.31 16.32 -0.49
N GLY A 251 -6.24 15.67 -0.05
CA GLY A 251 -5.67 15.89 1.28
C GLY A 251 -5.09 17.27 1.47
N GLN A 252 -4.33 17.74 0.49
CA GLN A 252 -3.75 19.09 0.54
C GLN A 252 -4.85 20.14 0.62
N GLN A 253 -5.91 19.97 -0.18
CA GLN A 253 -7.05 20.89 -0.19
C GLN A 253 -7.82 20.89 1.15
N ALA A 254 -7.96 19.72 1.76
CA ALA A 254 -8.62 19.60 3.06
C ALA A 254 -7.79 20.27 4.15
N GLY A 255 -6.47 20.08 4.05
CA GLY A 255 -5.49 20.70 4.95
C GLY A 255 -5.50 22.21 4.88
N SER A 256 -5.50 22.74 3.65
CA SER A 256 -5.62 24.18 3.42
C SER A 256 -6.94 24.76 3.94
N ALA A 257 -8.05 24.07 3.67
CA ALA A 257 -9.39 24.51 4.09
C ALA A 257 -9.50 24.65 5.61
N ILE A 258 -9.05 23.64 6.35
CA ILE A 258 -9.19 23.63 7.81
C ILE A 258 -8.31 24.72 8.46
N LEU A 259 -7.14 24.95 7.88
CA LEU A 259 -6.21 26.00 8.28
C LEU A 259 -6.83 27.37 8.09
N ASN A 260 -7.54 27.53 6.97
CA ASN A 260 -8.21 28.78 6.64
C ASN A 260 -9.39 29.04 7.56
N ILE A 261 -10.12 27.98 7.91
CA ILE A 261 -11.20 28.08 8.90
C ILE A 261 -10.65 28.52 10.27
N LEU A 262 -9.51 27.96 10.68
CA LEU A 262 -8.88 28.31 11.96
C LEU A 262 -8.23 29.70 12.00
N LYS A 263 -7.93 30.27 10.83
CA LYS A 263 -7.44 31.65 10.71
C LYS A 263 -8.50 32.66 11.13
N ASN A 264 -9.69 32.53 10.56
CA ASN A 264 -10.80 33.46 10.85
C ASN A 264 -11.52 33.11 12.16
N ASP A 268 -17.93 33.24 5.18
CA ASP A 268 -16.61 32.77 4.78
C ASP A 268 -16.62 31.37 4.16
N VAL A 269 -17.75 30.67 4.27
CA VAL A 269 -17.86 29.24 3.94
C VAL A 269 -17.76 28.92 2.44
N ILE A 270 -16.79 28.09 2.10
CA ILE A 270 -16.72 27.46 0.79
C ILE A 270 -17.44 26.13 0.96
N GLU A 271 -18.61 25.97 0.33
CA GLU A 271 -19.48 24.80 0.58
C GLU A 271 -18.92 23.47 0.07
N LEU A 272 -18.28 23.50 -1.10
CA LEU A 272 -17.84 22.27 -1.77
C LEU A 272 -16.66 22.53 -2.69
N VAL A 273 -15.58 21.80 -2.48
CA VAL A 273 -14.41 21.93 -3.34
C VAL A 273 -14.33 20.64 -4.15
N ILE A 274 -14.31 20.76 -5.48
CA ILE A 274 -14.29 19.61 -6.35
C ILE A 274 -12.90 19.44 -7.01
N ILE A 275 -12.31 18.26 -6.82
CA ILE A 275 -11.03 17.90 -7.43
C ILE A 275 -11.31 17.03 -8.66
N ASP A 276 -10.77 17.48 -9.81
CA ASP A 276 -10.98 16.79 -11.09
C ASP A 276 -10.26 15.45 -11.10
N THR A 277 -10.86 14.48 -11.77
CA THR A 277 -10.28 13.15 -11.88
C THR A 277 -9.74 12.92 -13.31
N GLU A 278 -9.05 11.81 -13.50
CA GLU A 278 -8.45 11.52 -14.80
C GLU A 278 -8.42 10.02 -15.07
N LEU A 279 -9.04 9.64 -16.19
CA LEU A 279 -8.94 8.29 -16.72
C LEU A 279 -7.52 8.00 -17.19
N LYS A 280 -6.97 6.88 -16.72
CA LYS A 280 -5.69 6.33 -17.17
C LYS A 280 -5.98 4.98 -17.84
N ILE A 281 -5.85 4.94 -19.17
CA ILE A 281 -6.13 3.72 -19.95
C ILE A 281 -4.94 2.79 -19.93
N ARG A 282 -5.18 1.53 -19.56
CA ARG A 282 -4.11 0.53 -19.53
C ARG A 282 -4.57 -0.73 -20.26
N LYS A 283 -3.81 -1.83 -20.12
CA LYS A 283 -4.05 -3.07 -20.88
C LYS A 283 -5.44 -3.71 -20.63
N SER A 284 -5.98 -3.55 -19.43
CA SER A 284 -7.20 -4.28 -19.04
C SER A 284 -8.47 -3.83 -19.77
N THR A 285 -8.43 -2.69 -20.45
CA THR A 285 -9.51 -2.34 -21.38
C THR A 285 -9.03 -2.18 -22.83
N GLN A 286 -7.87 -2.73 -23.16
CA GLN A 286 -7.33 -2.54 -24.51
C GLN A 286 -7.26 -3.85 -25.29
N ARG A 287 -7.83 -3.86 -26.49
CA ARG A 287 -7.80 -5.04 -27.34
C ARG A 287 -6.40 -5.27 -27.88
N GLU A 288 -5.99 -6.54 -27.91
CA GLU A 288 -4.60 -6.91 -28.14
C GLU A 288 -4.18 -6.85 -29.63
N GLY A 289 -5.15 -6.67 -30.52
CA GLY A 289 -4.90 -6.50 -31.95
C GLY A 289 -4.87 -5.07 -32.42
N THR B 4 18.91 18.90 28.48
CA THR B 4 17.92 20.01 28.57
C THR B 4 17.30 20.39 27.22
N ASN B 5 16.03 20.84 27.26
CA ASN B 5 15.21 21.18 26.07
C ASN B 5 15.05 20.06 25.04
N GLN B 6 14.66 18.89 25.53
CA GLN B 6 14.38 17.73 24.68
C GLN B 6 13.08 17.97 23.93
N THR B 7 13.01 17.45 22.71
CA THR B 7 11.83 17.64 21.84
C THR B 7 10.78 16.57 22.07
N TYR B 8 11.19 15.43 22.61
CA TYR B 8 10.33 14.24 22.75
C TYR B 8 9.73 13.80 21.40
N LYS B 9 10.60 13.80 20.39
CA LYS B 9 10.26 13.38 19.04
C LYS B 9 11.38 12.52 18.48
N ILE B 10 11.02 11.55 17.62
CA ILE B 10 12.01 10.68 16.96
C ILE B 10 11.93 10.86 15.44
N GLY B 11 13.08 11.10 14.82
CA GLY B 11 13.17 11.25 13.37
C GLY B 11 13.15 9.88 12.70
N LEU B 12 12.21 9.67 11.79
CA LEU B 12 12.10 8.39 11.11
C LEU B 12 12.61 8.54 9.68
N VAL B 13 13.73 7.88 9.39
CA VAL B 13 14.44 8.12 8.13
C VAL B 13 14.28 6.98 7.13
N LEU B 14 13.56 7.27 6.05
CA LEU B 14 13.38 6.32 4.93
C LEU B 14 14.24 6.72 3.73
N LYS B 15 14.43 5.78 2.80
CA LYS B 15 15.27 6.01 1.62
C LYS B 15 14.59 6.93 0.60
N GLY B 16 13.26 6.87 0.58
CA GLY B 16 12.44 7.71 -0.30
C GLY B 16 11.01 7.71 0.18
N SER B 17 10.15 8.45 -0.49
CA SER B 17 8.78 8.58 -0.05
C SER B 17 7.80 8.40 -1.21
N GLU B 18 8.32 8.05 -2.38
CA GLU B 18 7.48 7.78 -3.53
C GLU B 18 6.55 6.58 -3.26
N GLU B 19 5.56 6.38 -4.10
CA GLU B 19 4.61 5.30 -3.76
C GLU B 19 5.05 3.82 -3.82
N PRO B 20 6.01 3.43 -4.70
CA PRO B 20 6.61 2.10 -4.47
C PRO B 20 7.17 1.88 -3.05
N ILE B 21 7.66 2.93 -2.42
CA ILE B 21 8.09 2.88 -1.03
C ILE B 21 6.93 3.09 -0.04
N ARG B 22 6.25 4.23 -0.13
CA ARG B 22 5.26 4.59 0.90
C ARG B 22 3.98 3.75 0.90
N LEU B 23 3.69 3.06 -0.21
CA LEU B 23 2.55 2.12 -0.29
C LEU B 23 2.90 0.69 0.08
N ASN B 24 4.20 0.45 0.29
CA ASN B 24 4.73 -0.85 0.73
C ASN B 24 4.34 -1.08 2.17
N PRO B 25 3.53 -2.11 2.43
CA PRO B 25 3.07 -2.43 3.79
C PRO B 25 4.20 -2.78 4.77
N PHE B 26 5.42 -3.02 4.26
CA PHE B 26 6.58 -3.17 5.13
C PHE B 26 6.85 -1.86 5.84
N TYR B 27 7.06 -0.79 5.07
CA TYR B 27 7.32 0.51 5.64
C TYR B 27 6.13 1.05 6.40
N ILE B 28 4.92 0.83 5.88
CA ILE B 28 3.70 1.25 6.58
C ILE B 28 3.61 0.57 7.92
N ASN B 29 3.86 -0.74 7.96
CA ASN B 29 3.80 -1.46 9.23
C ASN B 29 4.96 -1.22 10.19
N VAL B 30 6.18 -0.97 9.69
CA VAL B 30 7.29 -0.66 10.59
CA VAL B 30 7.33 -0.64 10.54
C VAL B 30 7.06 0.71 11.22
N LEU B 31 6.53 1.66 10.44
CA LEU B 31 6.23 3.02 10.90
C LEU B 31 5.08 3.04 11.90
N LEU B 32 4.05 2.25 11.69
CA LEU B 32 3.00 2.06 12.69
C LEU B 32 3.60 1.47 13.96
N GLY B 33 4.46 0.46 13.80
CA GLY B 33 5.13 -0.18 14.92
C GLY B 33 5.99 0.75 15.76
N ILE B 34 6.78 1.59 15.09
CA ILE B 34 7.59 2.58 15.79
C ILE B 34 6.72 3.58 16.56
N SER B 35 5.73 4.16 15.89
CA SER B 35 4.93 5.26 16.44
C SER B 35 4.11 4.81 17.65
N GLU B 36 3.41 3.68 17.52
CA GLU B 36 2.71 3.00 18.60
C GLU B 36 3.54 2.92 19.90
N THR B 37 4.79 2.45 19.78
CA THR B 37 5.71 2.28 20.91
C THR B 37 6.22 3.63 21.42
N CYS B 38 6.33 4.58 20.50
CA CYS B 38 6.78 5.92 20.85
C CYS B 38 5.67 6.70 21.54
N ASN B 39 4.45 6.61 21.00
CA ASN B 39 3.29 7.30 21.55
C ASN B 39 2.81 6.69 22.87
N GLN B 40 3.26 5.47 23.15
CA GLN B 40 3.03 4.79 24.42
C GLN B 40 3.78 5.51 25.52
N HIS B 41 4.98 6.00 25.19
CA HIS B 41 5.91 6.57 26.16
C HIS B 41 6.07 8.08 25.99
N GLY B 42 5.04 8.72 25.41
CA GLY B 42 5.00 10.19 25.31
C GLY B 42 5.68 10.81 24.10
N TYR B 43 6.64 10.10 23.53
CA TYR B 43 7.38 10.56 22.36
C TYR B 43 6.54 10.61 21.09
N GLY B 44 6.71 11.68 20.31
CA GLY B 44 6.13 11.77 18.97
C GLY B 44 7.13 11.32 17.92
N THR B 45 6.73 11.38 16.65
CA THR B 45 7.64 11.01 15.56
C THR B 45 7.62 12.02 14.41
N GLN B 46 8.70 12.05 13.64
CA GLN B 46 8.76 12.89 12.46
C GLN B 46 9.40 12.11 11.31
N THR B 47 8.59 11.79 10.31
CA THR B 47 8.99 10.96 9.18
C THR B 47 9.55 11.81 8.04
N THR B 48 10.69 11.42 7.49
CA THR B 48 11.29 12.15 6.36
C THR B 48 10.41 12.08 5.12
N VAL B 49 10.43 13.14 4.32
CA VAL B 49 9.58 13.20 3.12
C VAL B 49 10.36 13.22 1.80
N SER B 50 11.68 13.31 1.87
CA SER B 50 12.53 13.41 0.67
C SER B 50 12.58 12.14 -0.19
N ASN B 51 12.81 12.30 -1.49
CA ASN B 51 12.88 11.14 -2.40
C ASN B 51 14.31 10.76 -2.82
N ASN B 52 15.17 11.75 -3.02
CA ASN B 52 16.56 11.50 -3.39
C ASN B 52 17.51 11.73 -2.22
N MET B 53 18.76 11.30 -2.38
CA MET B 53 19.80 11.46 -1.37
C MET B 53 20.17 12.90 -1.05
N ASN B 54 20.12 13.76 -2.05
CA ASN B 54 20.45 15.17 -1.88
C ASN B 54 19.46 15.88 -0.96
N ASP B 55 18.17 15.67 -1.20
CA ASP B 55 17.12 16.25 -0.38
C ASP B 55 17.05 15.63 1.02
N LEU B 56 17.40 14.35 1.11
CA LEU B 56 17.37 13.63 2.39
C LEU B 56 18.43 14.14 3.34
N MET B 57 19.69 14.14 2.90
CA MET B 57 20.82 14.71 3.64
C MET B 57 20.51 16.11 4.14
N ASP B 58 20.04 16.96 3.25
CA ASP B 58 19.65 18.33 3.58
C ASP B 58 18.58 18.41 4.67
N GLU B 59 17.59 17.51 4.61
CA GLU B 59 16.52 17.53 5.61
C GLU B 59 16.87 16.84 6.92
N VAL B 60 17.75 15.84 6.90
CA VAL B 60 18.24 15.26 8.16
C VAL B 60 19.14 16.29 8.87
N TYR B 61 20.03 16.94 8.11
CA TYR B 61 20.88 18.01 8.64
C TYR B 61 20.06 19.14 9.27
N LYS B 62 19.00 19.55 8.59
CA LYS B 62 18.10 20.58 9.09
C LYS B 62 17.39 20.12 10.36
N MET B 63 17.05 18.83 10.44
CA MET B 63 16.42 18.24 11.64
C MET B 63 17.36 18.29 12.86
N ILE B 64 18.65 18.12 12.58
CA ILE B 64 19.71 18.20 13.59
C ILE B 64 19.96 19.66 14.00
N LYS B 65 20.22 20.50 13.00
CA LYS B 65 20.57 21.91 13.17
C LYS B 65 19.48 22.73 13.88
N GLN B 66 18.22 22.50 13.50
CA GLN B 66 17.10 23.19 14.12
C GLN B 66 16.54 22.40 15.31
N ARG B 67 17.28 21.37 15.71
CA ARG B 67 16.89 20.40 16.75
C ARG B 67 15.38 20.14 16.86
N MET B 68 14.82 19.46 15.86
CA MET B 68 13.40 19.15 15.89
C MET B 68 13.10 17.73 16.42
N VAL B 69 14.16 16.93 16.61
CA VAL B 69 14.06 15.58 17.16
C VAL B 69 15.23 15.27 18.09
N ASP B 70 15.02 14.32 19.00
CA ASP B 70 16.03 13.94 20.00
C ASP B 70 16.95 12.87 19.45
N ALA B 71 16.42 12.04 18.55
CA ALA B 71 17.11 10.87 18.04
C ALA B 71 16.58 10.46 16.67
N PHE B 72 17.24 9.49 16.06
CA PHE B 72 16.80 8.99 14.76
C PHE B 72 16.67 7.47 14.70
N ILE B 73 15.81 7.01 13.81
CA ILE B 73 15.81 5.62 13.42
C ILE B 73 16.05 5.58 11.91
N LEU B 74 17.00 4.78 11.45
CA LEU B 74 17.21 4.62 10.00
C LEU B 74 16.50 3.37 9.53
N LEU B 75 15.54 3.54 8.64
CA LEU B 75 14.72 2.42 8.19
C LEU B 75 15.34 1.63 7.03
N TYR B 76 16.66 1.74 6.89
CA TYR B 76 17.43 0.90 5.97
C TYR B 76 18.88 0.76 6.41
N SER B 77 19.57 -0.20 5.79
CA SER B 77 21.00 -0.41 5.99
C SER B 77 21.72 -0.62 4.67
N LYS B 78 22.65 0.28 4.36
CA LYS B 78 23.54 0.15 3.21
C LYS B 78 24.94 0.60 3.62
N GLU B 79 25.95 -0.07 3.08
CA GLU B 79 27.35 0.30 3.31
C GLU B 79 27.67 1.66 2.68
N ASN B 80 28.56 2.40 3.34
CA ASN B 80 28.93 3.77 2.97
C ASN B 80 27.75 4.76 2.89
N ASP B 81 26.78 4.58 3.78
CA ASP B 81 25.59 5.45 3.87
C ASP B 81 25.98 6.85 4.36
N PRO B 82 25.73 7.88 3.53
CA PRO B 82 26.09 9.24 3.92
C PRO B 82 25.26 9.85 5.07
N ILE B 83 24.00 9.44 5.21
CA ILE B 83 23.21 9.95 6.34
C ILE B 83 23.54 9.25 7.66
N LYS B 84 23.97 7.98 7.59
CA LYS B 84 24.50 7.29 8.77
C LYS B 84 25.79 7.97 9.23
N GLN B 85 26.67 8.29 8.27
CA GLN B 85 27.91 9.04 8.56
C GLN B 85 27.62 10.42 9.15
N MET B 86 26.57 11.07 8.67
CA MET B 86 26.16 12.38 9.18
C MET B 86 25.75 12.31 10.65
N LEU B 87 25.05 11.25 11.04
CA LEU B 87 24.63 11.10 12.44
C LEU B 87 25.78 10.73 13.38
N ILE B 88 26.79 10.01 12.86
CA ILE B 88 28.00 9.76 13.63
C ILE B 88 28.87 11.02 13.73
N ASP B 89 28.85 11.86 12.69
CA ASP B 89 29.56 13.13 12.67
C ASP B 89 29.00 14.11 13.69
N GLU B 90 27.67 14.15 13.77
CA GLU B 90 26.98 15.14 14.59
C GLU B 90 26.63 14.59 15.98
N SER B 91 27.11 13.37 16.25
CA SER B 91 26.89 12.68 17.53
C SER B 91 25.40 12.57 17.90
N MET B 92 24.55 12.35 16.90
CA MET B 92 23.14 12.14 17.15
C MET B 92 22.89 10.70 17.57
N PRO B 93 22.07 10.49 18.63
CA PRO B 93 21.61 9.16 19.02
C PRO B 93 20.78 8.53 17.89
N PHE B 94 21.15 7.32 17.47
CA PHE B 94 20.41 6.64 16.41
C PHE B 94 20.50 5.13 16.49
N ILE B 95 19.54 4.47 15.87
CA ILE B 95 19.59 3.03 15.61
C ILE B 95 19.32 2.77 14.12
N VAL B 96 19.72 1.60 13.65
CA VAL B 96 19.54 1.22 12.25
C VAL B 96 18.62 0.02 12.14
N ILE B 97 17.63 0.09 11.27
CA ILE B 97 16.89 -1.14 10.90
C ILE B 97 17.56 -1.80 9.69
N GLY B 98 18.25 -2.91 9.96
CA GLY B 98 19.01 -3.61 8.96
C GLY B 98 20.29 -4.21 9.50
N LYS B 99 21.13 -4.68 8.58
CA LYS B 99 22.31 -5.46 8.95
C LYS B 99 23.48 -4.56 9.30
N PRO B 100 24.11 -4.81 10.46
CA PRO B 100 25.42 -4.20 10.79
C PRO B 100 26.49 -4.58 9.77
N THR B 101 27.08 -3.58 9.14
CA THR B 101 28.04 -3.79 8.06
C THR B 101 29.49 -3.46 8.42
N SER B 102 29.72 -2.30 9.02
CA SER B 102 31.07 -1.76 9.22
C SER B 102 31.66 -2.05 10.60
N ASP B 103 32.90 -1.57 10.80
CA ASP B 103 33.60 -1.68 12.07
C ASP B 103 32.96 -0.76 13.12
N ILE B 104 32.58 0.44 12.68
CA ILE B 104 31.92 1.44 13.53
C ILE B 104 30.47 1.07 13.90
N ASP B 105 29.86 0.20 13.11
CA ASP B 105 28.48 -0.28 13.34
C ASP B 105 28.32 -1.17 14.57
N HIS B 106 29.45 -1.49 15.22
CA HIS B 106 29.49 -2.14 16.53
C HIS B 106 28.92 -1.24 17.63
N GLN B 107 29.05 0.07 17.44
CA GLN B 107 28.65 1.06 18.44
C GLN B 107 27.14 1.25 18.56
N PHE B 108 26.39 0.87 17.52
CA PHE B 108 24.97 1.20 17.40
C PHE B 108 24.07 -0.02 17.28
N THR B 109 22.93 0.03 17.99
CA THR B 109 21.91 -1.02 17.92
C THR B 109 21.39 -1.17 16.49
N HIS B 110 21.30 -2.42 16.04
CA HIS B 110 20.62 -2.75 14.80
C HIS B 110 19.45 -3.68 15.09
N ILE B 111 18.34 -3.44 14.41
CA ILE B 111 17.21 -4.36 14.45
C ILE B 111 17.01 -4.95 13.04
N ASP B 112 17.06 -6.28 12.94
CA ASP B 112 17.00 -6.94 11.64
C ASP B 112 16.22 -8.25 11.70
N ASN B 113 15.83 -8.72 10.53
CA ASN B 113 15.33 -10.08 10.36
C ASN B 113 16.53 -11.01 10.18
N ASP B 114 16.28 -12.31 10.36
CA ASP B 114 17.25 -13.32 9.98
C ASP B 114 17.18 -13.58 8.45
N ASN B 115 17.64 -12.61 7.66
CA ASN B 115 17.50 -12.67 6.19
C ASN B 115 18.36 -13.69 5.42
N ILE B 116 19.53 -14.07 5.94
CA ILE B 116 20.27 -15.17 5.29
C ILE B 116 19.47 -16.45 5.49
N LEU B 117 19.11 -16.73 6.74
CA LEU B 117 18.33 -17.92 7.11
C LEU B 117 16.93 -18.00 6.51
N ALA B 118 16.21 -16.87 6.45
CA ALA B 118 14.84 -16.87 5.91
C ALA B 118 14.80 -17.20 4.41
N SER B 119 15.81 -16.71 3.67
CA SER B 119 15.90 -17.03 2.24
CA SER B 119 15.94 -17.01 2.24
C SER B 119 16.30 -18.48 2.03
N GLU B 120 17.19 -18.99 2.89
CA GLU B 120 17.53 -20.42 2.92
C GLU B 120 16.27 -21.25 3.15
N ASN B 121 15.48 -20.85 4.14
CA ASN B 121 14.21 -21.51 4.47
CA ASN B 121 14.23 -21.53 4.47
C ASN B 121 13.29 -21.51 3.27
N LEU B 122 13.24 -20.39 2.55
CA LEU B 122 12.39 -20.27 1.38
C LEU B 122 12.89 -21.14 0.23
N THR B 123 14.20 -21.11 -0.03
CA THR B 123 14.81 -21.93 -1.07
C THR B 123 14.61 -23.42 -0.79
N ARG B 124 14.79 -23.84 0.46
CA ARG B 124 14.50 -25.23 0.88
C ARG B 124 13.06 -25.64 0.57
N HIS B 125 12.08 -24.77 0.85
CA HIS B 125 10.67 -25.11 0.65
C HIS B 125 10.34 -25.31 -0.83
N VAL B 126 10.89 -24.42 -1.64
CA VAL B 126 10.72 -24.48 -3.08
C VAL B 126 11.31 -25.80 -3.61
N ILE B 127 12.44 -26.20 -3.05
CA ILE B 127 13.12 -27.43 -3.46
C ILE B 127 12.36 -28.71 -3.02
N GLU B 128 11.74 -28.68 -1.85
CA GLU B 128 10.84 -29.77 -1.41
C GLU B 128 9.72 -30.05 -2.41
N GLN B 129 9.27 -29.04 -3.13
CA GLN B 129 8.23 -29.19 -4.16
C GLN B 129 8.77 -29.79 -5.47
N GLY B 130 10.09 -29.80 -5.63
CA GLY B 130 10.70 -30.43 -6.81
C GLY B 130 10.97 -29.40 -7.87
N VAL B 131 12.26 -29.12 -8.09
CA VAL B 131 12.70 -28.18 -9.12
C VAL B 131 13.99 -28.62 -9.79
N ASP B 132 14.26 -28.06 -10.95
CA ASP B 132 15.46 -28.41 -11.71
C ASP B 132 16.32 -27.17 -11.92
N GLU B 133 15.67 -26.01 -11.95
CA GLU B 133 16.36 -24.73 -12.04
C GLU B 133 15.69 -23.69 -11.12
N LEU B 134 16.48 -22.70 -10.68
CA LEU B 134 16.01 -21.65 -9.78
C LEU B 134 16.47 -20.29 -10.25
N ILE B 135 15.60 -19.29 -10.14
CA ILE B 135 15.93 -17.92 -10.50
C ILE B 135 15.65 -17.00 -9.30
N PHE B 136 16.65 -16.19 -8.95
CA PHE B 136 16.47 -15.14 -7.96
C PHE B 136 16.57 -13.81 -8.66
N ILE B 137 15.53 -13.00 -8.46
CA ILE B 137 15.47 -11.67 -9.06
C ILE B 137 15.56 -10.63 -7.95
N THR B 138 16.55 -9.76 -8.07
CA THR B 138 16.79 -8.73 -7.09
C THR B 138 16.70 -7.33 -7.73
N GLU B 139 16.54 -6.30 -6.88
CA GLU B 139 16.55 -4.91 -7.32
C GLU B 139 17.95 -4.31 -7.23
N LYS B 140 18.15 -3.24 -7.99
CA LYS B 140 19.43 -2.53 -8.02
C LYS B 140 19.67 -1.75 -6.73
N GLY B 141 20.94 -1.45 -6.46
CA GLY B 141 21.35 -0.77 -5.24
C GLY B 141 21.77 -1.83 -4.26
N ASN B 142 23.07 -1.90 -3.98
CA ASN B 142 23.64 -3.01 -3.21
C ASN B 142 23.35 -2.91 -1.72
N PHE B 143 22.08 -3.11 -1.36
CA PHE B 143 21.65 -3.06 0.04
C PHE B 143 22.00 -4.37 0.72
N GLU B 144 22.00 -4.35 2.05
CA GLU B 144 22.43 -5.48 2.84
C GLU B 144 21.41 -6.60 2.83
N VAL B 145 20.14 -6.23 2.65
CA VAL B 145 19.03 -7.15 2.57
C VAL B 145 19.08 -8.00 1.29
N SER B 146 19.60 -7.41 0.21
CA SER B 146 19.78 -8.10 -1.07
C SER B 146 20.87 -9.15 -0.97
N LYS B 147 22.04 -8.74 -0.47
CA LYS B 147 23.19 -9.62 -0.30
C LYS B 147 22.89 -10.82 0.61
N ASP B 148 22.23 -10.55 1.73
CA ASP B 148 21.80 -11.61 2.65
C ASP B 148 20.83 -12.61 2.02
N ARG B 149 19.83 -12.10 1.30
CA ARG B 149 18.85 -12.97 0.66
C ARG B 149 19.40 -13.76 -0.53
N ILE B 150 20.29 -13.16 -1.31
CA ILE B 150 20.99 -13.84 -2.39
C ILE B 150 21.97 -14.90 -1.82
N GLN B 151 22.69 -14.57 -0.74
CA GLN B 151 23.62 -15.54 -0.15
C GLN B 151 22.90 -16.80 0.32
N GLY B 152 21.80 -16.60 1.06
CA GLY B 152 20.95 -17.70 1.50
C GLY B 152 20.49 -18.59 0.35
N PHE B 153 19.97 -17.93 -0.69
CA PHE B 153 19.55 -18.60 -1.92
C PHE B 153 20.67 -19.45 -2.52
N GLU B 154 21.82 -18.82 -2.74
CA GLU B 154 22.97 -19.44 -3.39
C GLU B 154 23.52 -20.66 -2.63
N THR B 155 23.61 -20.54 -1.31
CA THR B 155 24.11 -21.62 -0.44
C THR B 155 23.27 -22.88 -0.56
N VAL B 156 21.95 -22.74 -0.51
CA VAL B 156 21.04 -23.88 -0.59
C VAL B 156 20.97 -24.46 -2.03
N ALA B 157 20.93 -23.58 -3.02
CA ALA B 157 20.86 -24.02 -4.42
C ALA B 157 22.11 -24.77 -4.87
N SER B 158 23.28 -24.35 -4.38
CA SER B 158 24.53 -25.05 -4.71
C SER B 158 24.66 -26.36 -3.92
N GLN B 159 24.23 -26.34 -2.66
CA GLN B 159 24.19 -27.53 -1.80
C GLN B 159 23.40 -28.66 -2.43
N PHE B 160 22.22 -28.33 -2.96
CA PHE B 160 21.35 -29.32 -3.57
C PHE B 160 21.69 -29.61 -5.04
N ASN B 161 22.83 -29.08 -5.50
CA ASN B 161 23.39 -29.37 -6.84
C ASN B 161 22.46 -28.89 -7.96
N LEU B 162 21.86 -27.74 -7.74
CA LEU B 162 20.85 -27.19 -8.64
C LEU B 162 21.44 -26.09 -9.48
N ASP B 163 20.97 -25.98 -10.71
CA ASP B 163 21.36 -24.86 -11.57
C ASP B 163 20.56 -23.63 -11.16
N TYR B 164 21.21 -22.47 -11.17
CA TYR B 164 20.56 -21.22 -10.82
C TYR B 164 21.20 -20.03 -11.51
N GLN B 165 20.44 -18.93 -11.58
CA GLN B 165 20.97 -17.62 -12.00
C GLN B 165 20.50 -16.47 -11.10
N ILE B 166 21.28 -15.39 -11.08
CA ILE B 166 20.92 -14.16 -10.37
C ILE B 166 20.62 -13.06 -11.38
N ILE B 167 19.39 -12.53 -11.34
CA ILE B 167 19.01 -11.39 -12.18
C ILE B 167 18.89 -10.12 -11.35
N GLU B 168 19.65 -9.09 -11.72
CA GLU B 168 19.48 -7.76 -11.16
C GLU B 168 18.67 -6.92 -12.12
N THR B 169 17.62 -6.28 -11.61
CA THR B 169 16.74 -5.45 -12.43
C THR B 169 16.24 -4.20 -11.71
N SER B 170 15.76 -3.24 -12.48
CA SER B 170 14.98 -2.13 -11.95
C SER B 170 13.51 -2.54 -12.02
N ASN B 171 12.65 -1.84 -11.26
CA ASN B 171 11.20 -2.10 -11.33
C ASN B 171 10.50 -1.61 -12.62
N GLU B 172 11.29 -1.10 -13.55
CA GLU B 172 10.82 -0.63 -14.85
C GLU B 172 10.31 -1.77 -15.72
N ARG B 173 9.04 -1.65 -16.09
CA ARG B 173 8.24 -2.64 -16.84
C ARG B 173 8.94 -3.33 -18.01
N GLU B 174 9.48 -2.53 -18.93
CA GLU B 174 10.06 -3.06 -20.17
C GLU B 174 11.42 -3.72 -19.94
N VAL B 175 12.08 -3.37 -18.84
CA VAL B 175 13.32 -4.03 -18.44
C VAL B 175 13.01 -5.45 -17.96
N ILE B 176 12.05 -5.55 -17.03
CA ILE B 176 11.50 -6.84 -16.54
C ILE B 176 11.00 -7.74 -17.67
N LEU B 177 10.15 -7.17 -18.53
CA LEU B 177 9.64 -7.83 -19.72
C LEU B 177 10.75 -8.43 -20.61
N ASN B 178 11.79 -7.64 -20.88
CA ASN B 178 12.94 -8.08 -21.65
C ASN B 178 13.65 -9.27 -20.98
N TYR B 179 13.79 -9.21 -19.65
CA TYR B 179 14.40 -10.30 -18.89
C TYR B 179 13.57 -11.58 -18.98
N MET B 180 12.25 -11.45 -18.82
CA MET B 180 11.36 -12.62 -18.81
C MET B 180 11.09 -13.20 -20.19
N GLN B 181 11.31 -12.40 -21.23
CA GLN B 181 11.15 -12.88 -22.62
C GLN B 181 12.27 -13.80 -23.04
N ASN B 182 13.49 -13.55 -22.54
CA ASN B 182 14.62 -14.45 -22.74
C ASN B 182 14.40 -15.84 -22.13
N LEU B 183 13.70 -15.87 -20.99
CA LEU B 183 13.42 -17.13 -20.30
C LEU B 183 12.14 -17.80 -20.76
N HIS B 184 11.31 -17.06 -21.50
CA HIS B 184 9.95 -17.50 -21.91
C HIS B 184 9.84 -18.96 -22.39
N THR B 185 10.70 -19.32 -23.35
CA THR B 185 10.74 -20.67 -23.93
C THR B 185 11.04 -21.73 -22.87
N ARG B 186 12.04 -21.45 -22.03
CA ARG B 186 12.40 -22.33 -20.91
C ARG B 186 11.29 -22.46 -19.87
N LEU B 187 10.60 -21.36 -19.58
CA LEU B 187 9.55 -21.34 -18.55
C LEU B 187 8.31 -22.10 -19.01
N LYS B 188 8.12 -22.17 -20.32
CA LYS B 188 6.99 -22.85 -20.95
C LYS B 188 7.18 -24.36 -21.12
N ASP B 189 8.42 -24.82 -20.98
CA ASP B 189 8.80 -26.24 -21.10
C ASP B 189 8.22 -27.11 -19.97
N PRO B 190 7.37 -28.09 -20.32
CA PRO B 190 6.73 -28.97 -19.32
C PRO B 190 7.68 -30.00 -18.67
N ASN B 191 8.88 -30.16 -19.23
CA ASN B 191 9.87 -31.11 -18.71
C ASN B 191 10.81 -30.52 -17.65
N ILE B 192 11.12 -29.23 -17.80
CA ILE B 192 11.96 -28.53 -16.83
C ILE B 192 11.09 -27.82 -15.80
N LYS B 193 11.27 -28.15 -14.53
CA LYS B 193 10.52 -27.49 -13.45
C LYS B 193 11.35 -26.34 -12.90
N GLN B 194 10.77 -25.14 -12.90
CA GLN B 194 11.45 -23.93 -12.43
C GLN B 194 10.70 -23.18 -11.32
N ALA B 195 11.45 -22.36 -10.58
CA ALA B 195 10.88 -21.47 -9.57
C ALA B 195 11.53 -20.10 -9.60
N ILE B 196 10.70 -19.06 -9.49
CA ILE B 196 11.17 -17.68 -9.39
C ILE B 196 10.98 -17.11 -7.98
N ILE B 197 12.07 -16.65 -7.38
CA ILE B 197 12.02 -15.99 -6.08
C ILE B 197 12.46 -14.54 -6.25
N SER B 198 11.62 -13.60 -5.81
CA SER B 198 11.92 -12.16 -5.85
C SER B 198 12.33 -11.61 -4.49
N LEU B 199 13.16 -10.56 -4.50
CA LEU B 199 13.69 -9.93 -3.29
C LEU B 199 12.62 -9.42 -2.31
N ASP B 200 11.54 -8.87 -2.83
CA ASP B 200 10.53 -8.17 -2.03
C ASP B 200 9.20 -8.20 -2.76
N ALA B 201 8.11 -8.23 -2.00
CA ALA B 201 6.74 -8.30 -2.53
C ALA B 201 6.39 -7.25 -3.59
N MET B 202 6.89 -6.02 -3.44
CA MET B 202 6.55 -4.94 -4.35
C MET B 202 7.20 -5.13 -5.73
N LEU B 203 8.48 -5.51 -5.78
CA LEU B 203 9.14 -5.91 -7.04
C LEU B 203 8.51 -7.17 -7.62
N HIS B 204 8.17 -8.13 -6.75
CA HIS B 204 7.52 -9.38 -7.13
C HIS B 204 6.25 -9.15 -7.95
N LEU B 205 5.47 -8.15 -7.57
CA LEU B 205 4.22 -7.84 -8.26
C LEU B 205 4.41 -7.38 -9.68
N ALA B 206 5.48 -6.63 -9.94
CA ALA B 206 5.81 -6.19 -11.30
C ALA B 206 6.23 -7.40 -12.15
N ILE B 207 6.93 -8.35 -11.52
CA ILE B 207 7.31 -9.63 -12.13
C ILE B 207 6.06 -10.43 -12.55
N LEU B 208 5.14 -10.65 -11.60
CA LEU B 208 3.87 -11.37 -11.85
C LEU B 208 3.07 -10.77 -13.00
N SER B 209 3.10 -9.44 -13.12
CA SER B 209 2.32 -8.76 -14.13
C SER B 209 2.93 -9.02 -15.54
N VAL B 210 4.25 -9.08 -15.61
CA VAL B 210 4.95 -9.45 -16.84
C VAL B 210 4.71 -10.95 -17.16
N LEU B 211 4.67 -11.79 -16.13
CA LEU B 211 4.35 -13.20 -16.29
C LEU B 211 2.91 -13.41 -16.80
N TYR B 212 1.97 -12.63 -16.27
CA TYR B 212 0.59 -12.61 -16.78
C TYR B 212 0.57 -12.22 -18.26
N GLU B 213 1.28 -11.16 -18.61
CA GLU B 213 1.41 -10.71 -20.00
C GLU B 213 1.96 -11.79 -20.92
N LEU B 214 2.95 -12.54 -20.45
CA LEU B 214 3.62 -13.55 -21.26
C LEU B 214 2.96 -14.94 -21.22
N ASN B 215 1.78 -15.03 -20.60
CA ASN B 215 1.02 -16.28 -20.46
C ASN B 215 1.75 -17.41 -19.76
N ILE B 216 2.57 -17.05 -18.78
CA ILE B 216 3.34 -18.00 -18.02
C ILE B 216 2.57 -18.21 -16.71
N GLU B 217 1.77 -19.28 -16.65
CA GLU B 217 0.90 -19.51 -15.50
C GLU B 217 1.59 -20.11 -14.29
N ILE B 218 1.04 -19.79 -13.12
CA ILE B 218 1.61 -20.12 -11.83
C ILE B 218 0.52 -20.86 -11.04
N PRO B 219 0.87 -22.01 -10.44
CA PRO B 219 2.19 -22.65 -10.41
C PRO B 219 2.42 -23.69 -11.53
N LYS B 220 1.61 -23.69 -12.58
CA LYS B 220 1.71 -24.68 -13.66
C LYS B 220 3.04 -24.61 -14.43
N ASP B 221 3.37 -23.44 -14.99
CA ASP B 221 4.63 -23.27 -15.71
C ASP B 221 5.82 -22.96 -14.80
N VAL B 222 5.65 -22.00 -13.88
CA VAL B 222 6.67 -21.70 -12.86
CA VAL B 222 6.68 -21.67 -12.88
C VAL B 222 6.04 -21.48 -11.50
N MET B 223 6.74 -21.97 -10.47
CA MET B 223 6.39 -21.68 -9.08
C MET B 223 7.01 -20.34 -8.72
N THR B 224 6.34 -19.54 -7.90
CA THR B 224 6.90 -18.24 -7.51
C THR B 224 6.80 -17.97 -6.00
N ALA B 225 7.71 -17.15 -5.48
CA ALA B 225 7.72 -16.81 -4.05
C ALA B 225 8.50 -15.55 -3.79
N THR B 226 8.27 -14.92 -2.64
CA THR B 226 8.93 -13.68 -2.32
C THR B 226 9.00 -13.42 -0.82
N PHE B 227 9.45 -12.23 -0.44
CA PHE B 227 9.62 -11.84 0.97
C PHE B 227 8.71 -10.68 1.27
N ASN B 228 8.28 -10.59 2.54
CA ASN B 228 7.41 -9.51 3.06
C ASN B 228 5.92 -9.78 2.81
N ASP B 229 5.36 -10.68 3.61
CA ASP B 229 3.93 -11.04 3.59
C ASP B 229 2.97 -9.90 3.98
N SER B 230 1.96 -9.67 3.15
CA SER B 230 0.91 -8.69 3.42
C SER B 230 -0.29 -9.04 2.56
N TYR B 231 -1.26 -8.13 2.52
CA TYR B 231 -2.45 -8.30 1.70
C TYR B 231 -2.06 -8.37 0.21
N LEU B 232 -1.02 -7.64 -0.16
CA LEU B 232 -0.49 -7.67 -1.53
C LEU B 232 0.01 -9.03 -2.01
N THR B 233 0.48 -9.88 -1.08
CA THR B 233 0.80 -11.26 -1.47
C THR B 233 -0.36 -12.22 -1.26
N GLU B 234 -1.22 -11.93 -0.27
CA GLU B 234 -2.38 -12.77 0.00
C GLU B 234 -3.40 -12.73 -1.15
N ILE B 235 -3.57 -11.56 -1.76
CA ILE B 235 -4.51 -11.42 -2.87
C ILE B 235 -3.84 -11.11 -4.21
N ALA B 236 -2.58 -11.56 -4.35
CA ALA B 236 -1.86 -11.49 -5.63
C ALA B 236 -2.47 -12.46 -6.65
N SER B 237 -2.00 -12.39 -7.89
CA SER B 237 -2.48 -13.26 -8.96
C SER B 237 -1.38 -14.25 -9.40
N PRO B 238 -1.34 -15.46 -8.81
CA PRO B 238 -2.16 -16.05 -7.75
C PRO B 238 -1.60 -15.75 -6.34
N PRO B 239 -2.36 -16.05 -5.25
CA PRO B 239 -1.75 -15.80 -3.93
C PRO B 239 -0.33 -16.39 -3.81
N GLN B 240 0.57 -15.61 -3.25
CA GLN B 240 1.98 -15.98 -3.20
C GLN B 240 2.44 -16.57 -1.87
N THR B 241 3.23 -17.63 -1.99
CA THR B 241 4.09 -18.14 -0.91
C THR B 241 5.13 -17.06 -0.60
N CYS B 242 5.27 -16.75 0.69
CA CYS B 242 6.15 -15.66 1.10
CA CYS B 242 6.05 -15.59 1.14
C CYS B 242 6.65 -15.77 2.53
N ILE B 243 7.76 -15.09 2.78
CA ILE B 243 8.32 -15.01 4.11
C ILE B 243 7.69 -13.82 4.84
N ASP B 244 6.94 -14.09 5.90
CA ASP B 244 6.46 -13.03 6.81
C ASP B 244 7.64 -12.53 7.63
N ILE B 245 8.08 -11.29 7.37
CA ILE B 245 9.25 -10.72 8.04
C ILE B 245 8.88 -9.82 9.23
N LYS B 246 7.62 -9.87 9.64
CA LYS B 246 7.13 -9.23 10.87
C LYS B 246 7.40 -7.72 11.02
N PRO B 247 6.94 -6.90 10.05
CA PRO B 247 7.35 -5.49 10.08
C PRO B 247 6.83 -4.67 11.30
N ARG B 248 5.63 -4.96 11.77
CA ARG B 248 5.09 -4.26 12.93
C ARG B 248 5.96 -4.48 14.17
N MET B 249 6.31 -5.74 14.42
CA MET B 249 7.12 -6.11 15.59
CA MET B 249 7.12 -6.12 15.59
C MET B 249 8.52 -5.52 15.47
N LEU B 250 9.06 -5.53 14.26
CA LEU B 250 10.35 -4.93 13.96
C LEU B 250 10.34 -3.43 14.34
N GLY B 251 9.26 -2.74 13.97
CA GLY B 251 9.03 -1.34 14.35
C GLY B 251 8.93 -1.11 15.85
N GLN B 252 8.26 -2.00 16.56
CA GLN B 252 8.14 -1.91 18.01
C GLN B 252 9.47 -2.10 18.75
N GLN B 253 10.29 -3.02 18.24
CA GLN B 253 11.62 -3.26 18.80
C GLN B 253 12.59 -2.11 18.52
N ALA B 254 12.38 -1.43 17.41
CA ALA B 254 13.15 -0.25 17.08
C ALA B 254 12.74 0.91 18.01
N GLY B 255 11.43 1.13 18.14
CA GLY B 255 10.86 2.09 19.07
C GLY B 255 11.38 1.91 20.49
N SER B 256 11.36 0.66 20.97
CA SER B 256 11.90 0.34 22.30
C SER B 256 13.41 0.58 22.41
N ALA B 257 14.17 0.15 21.40
CA ALA B 257 15.63 0.31 21.42
C ALA B 257 16.09 1.77 21.50
N ILE B 258 15.43 2.66 20.76
CA ILE B 258 15.80 4.09 20.76
C ILE B 258 15.43 4.81 22.06
N LEU B 259 14.27 4.48 22.63
CA LEU B 259 13.84 5.01 23.93
C LEU B 259 14.78 4.60 25.06
N ASN B 260 15.27 3.37 24.99
CA ASN B 260 16.26 2.85 25.93
C ASN B 260 17.63 3.53 25.78
N ILE B 261 17.99 3.93 24.55
CA ILE B 261 19.26 4.65 24.31
C ILE B 261 19.20 6.05 24.95
N LEU B 262 18.04 6.69 24.86
CA LEU B 262 17.82 8.03 25.35
C LEU B 262 17.69 8.10 26.87
N LYS B 263 17.32 6.97 27.49
CA LYS B 263 17.16 6.85 28.93
C LYS B 263 18.50 6.57 29.61
N ASN B 264 19.43 5.97 28.86
CA ASN B 264 20.74 5.58 29.37
C ASN B 264 21.87 5.95 28.41
N ASP B 268 27.07 -0.36 27.10
CA ASP B 268 25.67 -0.09 27.50
C ASP B 268 24.72 -0.14 26.30
N VAL B 269 25.19 -0.75 25.21
CA VAL B 269 24.41 -0.80 23.95
C VAL B 269 24.24 -2.25 23.45
N ILE B 270 22.99 -2.70 23.35
CA ILE B 270 22.65 -3.99 22.73
C ILE B 270 22.94 -3.90 21.24
N GLU B 271 23.81 -4.77 20.74
CA GLU B 271 24.39 -4.62 19.40
C GLU B 271 23.47 -5.06 18.25
N LEU B 272 22.69 -6.12 18.49
CA LEU B 272 21.83 -6.68 17.45
C LEU B 272 20.58 -7.30 18.02
N VAL B 273 19.44 -6.93 17.46
CA VAL B 273 18.20 -7.61 17.75
C VAL B 273 17.73 -8.31 16.48
N ILE B 274 17.40 -9.60 16.60
CA ILE B 274 16.87 -10.40 15.50
C ILE B 274 15.39 -10.71 15.71
N ILE B 275 14.55 -10.33 14.74
CA ILE B 275 13.14 -10.71 14.75
C ILE B 275 12.94 -11.88 13.77
N ASP B 276 12.40 -12.97 14.31
CA ASP B 276 12.23 -14.20 13.54
CA ASP B 276 12.20 -14.22 13.57
C ASP B 276 11.20 -14.03 12.43
N THR B 277 11.34 -14.86 11.41
CA THR B 277 10.47 -14.78 10.26
C THR B 277 9.69 -16.08 10.13
N GLU B 278 8.62 -16.04 9.35
CA GLU B 278 7.78 -17.20 9.18
C GLU B 278 7.46 -17.41 7.71
N LEU B 279 7.68 -18.64 7.25
CA LEU B 279 7.26 -19.07 5.94
C LEU B 279 5.74 -19.20 5.89
N LYS B 280 5.15 -18.57 4.88
CA LYS B 280 3.72 -18.64 4.62
C LYS B 280 3.51 -19.25 3.24
N ILE B 281 2.98 -20.47 3.21
CA ILE B 281 2.82 -21.24 1.98
C ILE B 281 1.45 -20.98 1.35
N ARG B 282 1.45 -20.60 0.08
CA ARG B 282 0.22 -20.42 -0.66
C ARG B 282 0.30 -21.09 -2.03
N LYS B 283 -0.68 -20.80 -2.87
CA LYS B 283 -0.89 -21.41 -4.19
C LYS B 283 0.32 -21.36 -5.15
N SER B 284 1.11 -20.30 -5.10
CA SER B 284 2.20 -20.10 -6.05
C SER B 284 3.33 -21.13 -6.00
N THR B 285 3.41 -21.91 -4.92
CA THR B 285 4.42 -22.99 -4.82
C THR B 285 3.80 -24.37 -4.68
N GLN B 286 2.48 -24.44 -4.82
CA GLN B 286 1.68 -25.63 -4.52
C GLN B 286 1.36 -26.36 -5.82
N ARG B 287 2.37 -26.97 -6.42
CA ARG B 287 2.24 -27.62 -7.73
C ARG B 287 1.73 -29.08 -7.69
N GLU B 288 1.35 -29.54 -6.50
CA GLU B 288 0.85 -30.90 -6.30
C GLU B 288 -0.57 -31.11 -6.85
C1 GOL C . -13.45 9.40 -2.83
O1 GOL C . -13.59 10.14 -4.03
C2 GOL C . -13.74 10.34 -1.67
O2 GOL C . -13.78 11.64 -2.19
C3 GOL C . -15.09 10.06 -1.01
O3 GOL C . -15.01 10.26 0.40
C1 GOL D . -11.36 3.90 -0.68
O1 GOL D . -11.98 3.00 0.23
C2 GOL D . -12.45 4.72 -1.37
O2 GOL D . -13.08 5.54 -0.41
C3 GOL D . -11.83 5.57 -2.46
O3 GOL D . -11.86 4.83 -3.66
C1 GOL E . -13.57 14.68 -14.62
O1 GOL E . -13.40 15.37 -13.40
C2 GOL E . -13.46 15.65 -15.79
O2 GOL E . -12.31 16.43 -15.66
C3 GOL E . -13.41 14.87 -17.10
O3 GOL E . -14.74 14.65 -17.57
C1 GOL F . 14.35 -6.28 6.03
O1 GOL F . 14.48 -7.58 6.56
C2 GOL F . 14.83 -5.30 7.09
O2 GOL F . 15.00 -6.00 8.30
C3 GOL F . 16.16 -4.68 6.65
O3 GOL F . 17.18 -5.64 6.84
#